data_5FH6
#
_entry.id   5FH6
#
_cell.length_a   41.871
_cell.length_b   136.416
_cell.length_c   56.752
_cell.angle_alpha   90.00
_cell.angle_beta   92.33
_cell.angle_gamma   90.00
#
_symmetry.space_group_name_H-M   'P 1 21 1'
#
loop_
_entity.id
_entity.type
_entity.pdbx_description
1 polymer 'Protein polybromo-1'
2 non-polymer (3~{R})-3-(piperidin-1-ylmethyl)-2,3-dihydro-1~{H}-pyrrolo[1,2-a]quinazolin-5-one
3 water water
#
_entity_poly.entity_id   1
_entity_poly.type   'polypeptide(L)'
_entity_poly.pdbx_seq_one_letter_code
;SMSGISPKKSKYMTPMQQKLNEVYEAVKNYTDKRGRRLSAIFLRLPSRSELPDYYLTIKKPMDMEKIRSHMMANKYQDID
SMVEDFVMMFNNACTYNEPESLIYKDALVLHKVLLETRRDLEGD
;
_entity_poly.pdbx_strand_id   A,B,C,D
#
# COMPACT_ATOMS: atom_id res chain seq x y z
N LYS A 11 3.53 41.55 -8.22
CA LYS A 11 2.64 41.44 -9.37
C LYS A 11 3.27 40.48 -10.41
N TYR A 12 4.52 40.07 -10.15
CA TYR A 12 5.25 39.14 -11.02
C TYR A 12 5.25 37.73 -10.61
N MET A 13 5.79 36.92 -11.51
CA MET A 13 5.63 35.49 -11.47
C MET A 13 7.00 34.84 -11.48
N THR A 14 7.27 34.02 -10.48
CA THR A 14 8.54 33.33 -10.37
C THR A 14 8.67 32.35 -11.53
N PRO A 15 9.91 32.00 -11.90
CA PRO A 15 10.15 30.99 -12.94
C PRO A 15 9.45 29.66 -12.63
N MET A 16 9.42 29.26 -11.37
CA MET A 16 8.66 28.07 -10.98
C MET A 16 7.16 28.31 -11.27
N GLN A 17 6.63 29.49 -10.93
CA GLN A 17 5.23 29.80 -11.25
C GLN A 17 4.94 29.74 -12.75
N GLN A 18 5.91 30.16 -13.57
CA GLN A 18 5.71 30.24 -15.02
C GLN A 18 5.75 28.84 -15.63
N LYS A 19 6.32 27.90 -14.88
CA LYS A 19 6.46 26.56 -15.36
C LYS A 19 5.37 25.67 -14.80
N LEU A 20 4.75 26.14 -13.73
CA LEU A 20 3.50 25.57 -13.26
C LEU A 20 2.30 26.04 -14.07
N ASN A 21 2.39 27.24 -14.62
CA ASN A 21 1.31 27.73 -15.46
C ASN A 21 1.29 26.95 -16.75
N GLU A 22 2.48 26.66 -17.27
CA GLU A 22 2.62 25.91 -18.50
C GLU A 22 2.02 24.50 -18.34
N VAL A 23 2.42 23.79 -17.30
CA VAL A 23 1.85 22.46 -17.06
C VAL A 23 0.34 22.55 -16.80
N TYR A 24 -0.12 23.61 -16.13
CA TYR A 24 -1.54 23.82 -15.92
C TYR A 24 -2.31 24.05 -17.23
N GLU A 25 -1.77 24.93 -18.07
CA GLU A 25 -2.46 25.38 -19.27
C GLU A 25 -2.57 24.27 -20.33
N ALA A 26 -1.56 23.40 -20.38
CA ALA A 26 -1.56 22.29 -21.34
C ALA A 26 -2.65 21.29 -21.03
N VAL A 27 -2.89 21.05 -19.74
CA VAL A 27 -3.94 20.15 -19.30
C VAL A 27 -5.31 20.74 -19.64
N LYS A 28 -5.46 22.03 -19.32
CA LYS A 28 -6.71 22.74 -19.60
C LYS A 28 -7.01 22.76 -21.10
N ASN A 29 -5.99 23.01 -21.90
CA ASN A 29 -6.20 23.21 -23.33
C ASN A 29 -6.13 21.94 -24.19
N TYR A 30 -5.95 20.78 -23.56
CA TYR A 30 -5.89 19.55 -24.33
C TYR A 30 -7.23 19.32 -25.03
N THR A 31 -7.17 18.96 -26.30
CA THR A 31 -8.37 18.68 -27.07
C THR A 31 -8.27 17.30 -27.70
N ASP A 32 -9.41 16.63 -27.84
CA ASP A 32 -9.41 15.34 -28.49
C ASP A 32 -9.49 15.50 -30.00
N LYS A 33 -9.54 14.38 -30.69
CA LYS A 33 -9.51 14.38 -32.15
C LYS A 33 -10.51 15.28 -32.89
N ARG A 34 -11.68 15.62 -32.34
CA ARG A 34 -12.46 16.67 -33.01
C ARG A 34 -12.79 17.84 -32.07
N GLY A 35 -11.69 18.36 -31.52
CA GLY A 35 -11.64 19.61 -30.79
C GLY A 35 -12.41 19.87 -29.51
N ARG A 36 -12.78 18.82 -28.79
CA ARG A 36 -13.39 19.04 -27.49
C ARG A 36 -12.32 19.14 -26.41
N ARG A 37 -12.53 20.06 -25.48
CA ARG A 37 -11.65 20.30 -24.34
C ARG A 37 -12.05 19.48 -23.13
N LEU A 38 -11.29 18.42 -22.86
CA LEU A 38 -11.60 17.50 -21.76
C LEU A 38 -11.67 18.22 -20.42
N SER A 39 -10.96 19.34 -20.34
CA SER A 39 -10.89 20.17 -19.14
C SER A 39 -12.22 20.65 -18.58
N ALA A 40 -13.21 20.82 -19.45
CA ALA A 40 -14.43 21.57 -19.15
C ALA A 40 -15.14 21.13 -17.86
N ILE A 41 -15.38 19.84 -17.71
CA ILE A 41 -16.13 19.35 -16.56
C ILE A 41 -15.33 19.51 -15.27
N PHE A 42 -14.00 19.57 -15.40
CA PHE A 42 -13.11 19.62 -14.25
C PHE A 42 -12.76 21.02 -13.78
N LEU A 43 -13.24 22.04 -14.48
CA LEU A 43 -12.77 23.39 -14.18
C LEU A 43 -13.18 23.78 -12.78
N ARG A 44 -14.48 23.64 -12.50
CA ARG A 44 -14.95 23.98 -11.15
C ARG A 44 -16.11 23.18 -10.67
N LEU A 45 -16.07 22.74 -9.42
CA LEU A 45 -17.19 22.01 -8.84
C LEU A 45 -18.36 22.91 -8.43
N PRO A 46 -19.59 22.40 -8.62
CA PRO A 46 -20.81 23.01 -8.11
C PRO A 46 -20.72 23.09 -6.59
N SER A 47 -21.42 24.04 -5.99
CA SER A 47 -21.28 24.27 -4.56
C SER A 47 -21.81 23.11 -3.74
N ARG A 48 -21.57 23.18 -2.43
CA ARG A 48 -21.93 22.13 -1.51
C ARG A 48 -23.45 22.01 -1.51
N SER A 49 -24.10 23.15 -1.69
CA SER A 49 -25.55 23.24 -1.77
C SER A 49 -26.12 22.64 -3.04
N GLU A 50 -25.27 22.48 -4.06
CA GLU A 50 -25.75 21.99 -5.35
C GLU A 50 -25.36 20.55 -5.65
N LEU A 51 -24.59 19.95 -4.75
CA LEU A 51 -24.18 18.56 -4.91
C LEU A 51 -23.57 18.01 -3.62
N PRO A 52 -24.39 17.91 -2.56
CA PRO A 52 -23.87 17.47 -1.26
C PRO A 52 -23.32 16.05 -1.29
N ASP A 53 -23.91 15.21 -2.13
CA ASP A 53 -23.48 13.82 -2.27
C ASP A 53 -22.01 13.72 -2.63
N TYR A 54 -21.53 14.63 -3.47
CA TYR A 54 -20.13 14.60 -3.87
C TYR A 54 -19.23 14.86 -2.67
N TYR A 55 -19.63 15.80 -1.83
CA TYR A 55 -18.81 16.21 -0.68
C TYR A 55 -18.97 15.26 0.50
N LEU A 56 -19.98 14.41 0.45
CA LEU A 56 -20.21 13.43 1.50
C LEU A 56 -19.67 12.05 1.12
N THR A 57 -19.25 11.91 -0.14
CA THR A 57 -18.74 10.64 -0.64
C THR A 57 -17.26 10.72 -1.01
N ILE A 58 -16.80 11.95 -1.25
CA ILE A 58 -15.41 12.21 -1.60
C ILE A 58 -14.79 13.01 -0.48
N LYS A 59 -13.69 12.50 0.08
CA LYS A 59 -13.15 13.07 1.31
C LYS A 59 -12.63 14.49 1.12
N LYS A 60 -11.74 14.67 0.14
CA LYS A 60 -11.11 15.96 -0.09
C LYS A 60 -11.36 16.45 -1.53
N PRO A 61 -12.46 17.20 -1.76
CA PRO A 61 -12.85 17.63 -3.11
C PRO A 61 -11.86 18.62 -3.75
N MET A 62 -11.58 18.40 -5.03
CA MET A 62 -10.62 19.23 -5.77
C MET A 62 -11.13 19.62 -7.16
N ASP A 63 -10.89 20.86 -7.57
CA ASP A 63 -11.12 21.25 -8.96
C ASP A 63 -10.00 22.14 -9.47
N MET A 64 -10.05 22.54 -10.74
CA MET A 64 -8.90 23.17 -11.37
C MET A 64 -8.71 24.63 -11.00
N GLU A 65 -9.80 25.35 -10.80
CA GLU A 65 -9.71 26.74 -10.42
C GLU A 65 -9.22 26.87 -8.96
N LYS A 66 -9.48 25.85 -8.15
CA LYS A 66 -8.95 25.82 -6.79
C LYS A 66 -7.45 25.59 -6.89
N ILE A 67 -7.04 24.73 -7.81
CA ILE A 67 -5.62 24.49 -8.07
C ILE A 67 -4.96 25.76 -8.55
N ARG A 68 -5.68 26.48 -9.40
CA ARG A 68 -5.26 27.75 -9.96
C ARG A 68 -5.02 28.83 -8.93
N SER A 69 -5.83 28.81 -7.87
CA SER A 69 -5.74 29.83 -6.84
C SER A 69 -4.51 29.67 -5.96
N HIS A 70 -3.88 28.50 -5.97
CA HIS A 70 -2.65 28.31 -5.19
C HIS A 70 -1.39 28.55 -6.00
N MET A 71 -1.46 28.22 -7.30
CA MET A 71 -0.34 28.46 -8.19
C MET A 71 -0.10 29.93 -8.46
N MET A 72 -1.18 30.65 -8.74
CA MET A 72 -1.08 32.05 -9.05
C MET A 72 -0.88 32.79 -7.79
N ALA A 73 -1.35 32.20 -6.71
CA ALA A 73 -1.14 32.91 -5.50
C ALA A 73 0.26 32.67 -4.90
N ASN A 74 0.84 31.45 -4.91
CA ASN A 74 2.02 31.20 -4.07
C ASN A 74 2.54 29.77 -3.69
N LYS A 75 1.63 28.82 -3.44
CA LYS A 75 1.93 27.67 -2.52
C LYS A 75 2.56 26.35 -2.99
N TYR A 76 2.93 26.25 -4.26
CA TYR A 76 3.52 25.03 -4.79
C TYR A 76 5.03 25.18 -4.86
N GLN A 77 5.76 24.26 -4.23
CA GLN A 77 7.20 24.40 -4.14
C GLN A 77 7.92 23.86 -5.37
N ASP A 78 7.36 22.81 -5.97
CA ASP A 78 7.87 22.29 -7.24
C ASP A 78 6.69 21.74 -8.04
N ILE A 79 6.98 21.14 -9.19
CA ILE A 79 5.92 20.64 -10.07
C ILE A 79 5.13 19.48 -9.46
N ASP A 80 5.83 18.50 -8.91
CA ASP A 80 5.14 17.30 -8.43
C ASP A 80 4.21 17.67 -7.27
N SER A 81 4.50 18.78 -6.61
CA SER A 81 3.59 19.30 -5.59
C SER A 81 2.23 19.65 -6.19
N MET A 82 2.22 20.27 -7.36
CA MET A 82 0.96 20.61 -8.03
C MET A 82 0.32 19.38 -8.65
N VAL A 83 1.16 18.46 -9.13
CA VAL A 83 0.68 17.22 -9.73
C VAL A 83 -0.21 16.42 -8.80
N GLU A 84 0.16 16.34 -7.52
CA GLU A 84 -0.62 15.53 -6.59
C GLU A 84 -2.02 16.07 -6.29
N ASP A 85 -2.25 17.36 -6.50
CA ASP A 85 -3.60 17.87 -6.35
C ASP A 85 -4.38 17.58 -7.63
N PHE A 86 -3.66 17.55 -8.75
CA PHE A 86 -4.25 17.13 -10.01
C PHE A 86 -4.57 15.63 -9.94
N VAL A 87 -3.56 14.85 -9.55
CA VAL A 87 -3.71 13.40 -9.41
C VAL A 87 -4.85 13.06 -8.45
N MET A 88 -4.91 13.81 -7.35
CA MET A 88 -5.97 13.65 -6.36
C MET A 88 -7.34 13.95 -6.96
N MET A 89 -7.45 15.06 -7.68
CA MET A 89 -8.71 15.45 -8.32
C MET A 89 -9.24 14.37 -9.25
N PHE A 90 -8.36 13.79 -10.06
CA PHE A 90 -8.74 12.74 -11.00
C PHE A 90 -9.28 11.51 -10.28
N ASN A 91 -8.55 11.07 -9.26
CA ASN A 91 -8.96 9.92 -8.48
C ASN A 91 -10.33 10.15 -7.84
N ASN A 92 -10.60 11.39 -7.43
CA ASN A 92 -11.92 11.73 -6.92
C ASN A 92 -12.98 11.50 -7.99
N ALA A 93 -12.72 12.04 -9.18
CA ALA A 93 -13.65 11.91 -10.30
C ALA A 93 -13.88 10.46 -10.66
N CYS A 94 -12.81 9.68 -10.61
CA CYS A 94 -12.88 8.27 -10.96
C CYS A 94 -13.49 7.43 -9.84
N THR A 95 -13.64 8.04 -8.67
CA THR A 95 -14.29 7.38 -7.55
C THR A 95 -15.80 7.62 -7.58
N TYR A 96 -16.16 8.87 -7.82
CA TYR A 96 -17.54 9.31 -7.76
C TYR A 96 -18.32 8.91 -9.01
N ASN A 97 -17.60 8.81 -10.13
CA ASN A 97 -18.18 8.45 -11.41
C ASN A 97 -17.85 7.00 -11.71
N GLU A 98 -18.69 6.30 -12.47
CA GLU A 98 -18.43 4.89 -12.71
C GLU A 98 -17.41 4.74 -13.85
N PRO A 99 -16.62 3.66 -13.82
CA PRO A 99 -15.45 3.47 -14.70
C PRO A 99 -15.69 3.70 -16.18
N GLU A 100 -16.88 3.35 -16.64
CA GLU A 100 -17.26 3.53 -18.03
C GLU A 100 -17.84 4.92 -18.28
N SER A 101 -17.86 5.79 -17.28
CA SER A 101 -18.46 7.10 -17.48
C SER A 101 -17.45 7.99 -18.15
N LEU A 102 -17.94 9.02 -18.81
CA LEU A 102 -17.11 9.90 -19.62
C LEU A 102 -16.11 10.73 -18.82
N ILE A 103 -16.59 11.25 -17.71
CA ILE A 103 -15.76 12.01 -16.80
C ILE A 103 -14.59 11.14 -16.37
N TYR A 104 -14.91 9.89 -16.04
CA TYR A 104 -13.91 8.91 -15.64
C TYR A 104 -12.76 8.76 -16.63
N LYS A 105 -13.07 8.57 -17.91
CA LYS A 105 -12.02 8.40 -18.92
C LYS A 105 -11.29 9.69 -19.24
N ASP A 106 -11.98 10.82 -19.16
CA ASP A 106 -11.33 12.09 -19.44
C ASP A 106 -10.34 12.39 -18.32
N ALA A 107 -10.68 12.00 -17.09
CA ALA A 107 -9.75 12.08 -15.97
C ALA A 107 -8.50 11.28 -16.30
N LEU A 108 -8.71 10.06 -16.78
CA LEU A 108 -7.64 9.15 -17.17
C LEU A 108 -6.72 9.75 -18.24
N VAL A 109 -7.33 10.26 -19.32
CA VAL A 109 -6.57 10.85 -20.43
C VAL A 109 -5.78 12.07 -19.97
N LEU A 110 -6.45 12.95 -19.24
CA LEU A 110 -5.82 14.16 -18.71
C LEU A 110 -4.70 13.80 -17.73
N HIS A 111 -4.84 12.67 -17.04
CA HIS A 111 -3.80 12.16 -16.15
C HIS A 111 -2.49 11.98 -16.90
N LYS A 112 -2.57 11.39 -18.08
CA LYS A 112 -1.38 11.13 -18.88
C LYS A 112 -0.80 12.38 -19.48
N VAL A 113 -1.67 13.31 -19.85
CA VAL A 113 -1.23 14.58 -20.38
C VAL A 113 -0.36 15.27 -19.35
N LEU A 114 -0.87 15.30 -18.12
CA LEU A 114 -0.15 15.90 -17.00
C LEU A 114 1.23 15.30 -16.85
N LEU A 115 1.29 14.00 -17.00
CA LEU A 115 2.52 13.26 -16.83
C LEU A 115 3.39 13.33 -18.11
N GLU A 116 2.76 13.41 -19.28
CA GLU A 116 3.51 13.56 -20.53
C GLU A 116 4.17 14.93 -20.56
N THR A 117 3.50 15.92 -19.97
CA THR A 117 4.01 17.29 -19.92
C THR A 117 5.18 17.48 -18.97
N ARG A 118 5.08 16.89 -17.78
CA ARG A 118 6.12 17.00 -16.77
C ARG A 118 7.46 16.38 -17.19
N ARG A 119 7.43 15.29 -17.95
CA ARG A 119 8.69 14.68 -18.35
C ARG A 119 9.39 15.61 -19.29
N ASP A 120 8.59 16.38 -20.02
CA ASP A 120 9.09 17.38 -20.94
C ASP A 120 9.70 18.54 -20.16
N LEU A 121 9.49 18.51 -18.85
CA LEU A 121 10.04 19.49 -17.92
C LEU A 121 9.61 20.91 -18.31
N LYS B 11 -30.20 -23.17 -8.09
CA LYS B 11 -29.55 -21.97 -7.65
C LYS B 11 -28.03 -22.09 -7.78
N TYR B 12 -27.50 -23.29 -7.70
CA TYR B 12 -26.07 -23.41 -7.60
C TYR B 12 -25.41 -23.79 -9.01
N MET B 13 -24.81 -24.96 -9.27
CA MET B 13 -23.81 -24.91 -10.34
C MET B 13 -23.92 -25.78 -11.61
N THR B 14 -24.00 -25.05 -12.73
CA THR B 14 -24.04 -25.58 -14.10
C THR B 14 -22.66 -26.14 -14.54
N PRO B 15 -22.64 -27.06 -15.54
CA PRO B 15 -21.40 -27.62 -16.10
C PRO B 15 -20.38 -26.59 -16.61
N MET B 16 -20.80 -25.59 -17.38
CA MET B 16 -19.91 -24.50 -17.77
C MET B 16 -19.32 -23.75 -16.58
N GLN B 17 -20.15 -23.48 -15.57
CA GLN B 17 -19.70 -22.82 -14.35
C GLN B 17 -18.58 -23.62 -13.67
N GLN B 18 -18.69 -24.94 -13.73
CA GLN B 18 -17.75 -25.82 -13.05
C GLN B 18 -16.41 -25.89 -13.77
N LYS B 19 -16.38 -25.53 -15.06
CA LYS B 19 -15.13 -25.65 -15.83
C LYS B 19 -14.50 -24.27 -15.92
N LEU B 20 -15.25 -23.23 -15.57
CA LEU B 20 -14.67 -21.92 -15.39
C LEU B 20 -13.92 -21.97 -14.07
N ASN B 21 -14.43 -22.80 -13.17
CA ASN B 21 -13.82 -23.02 -11.87
C ASN B 21 -12.56 -23.84 -11.96
N GLU B 22 -12.57 -24.82 -12.84
CA GLU B 22 -11.43 -25.69 -13.02
C GLU B 22 -10.21 -24.90 -13.50
N VAL B 23 -10.39 -24.13 -14.57
CA VAL B 23 -9.30 -23.30 -15.10
C VAL B 23 -8.88 -22.20 -14.11
N TYR B 24 -9.84 -21.65 -13.37
CA TYR B 24 -9.55 -20.64 -12.35
C TYR B 24 -8.66 -21.24 -11.27
N GLU B 25 -9.02 -22.42 -10.81
CA GLU B 25 -8.36 -23.07 -9.68
C GLU B 25 -6.94 -23.47 -10.07
N ALA B 26 -6.75 -23.80 -11.35
CA ALA B 26 -5.44 -24.17 -11.86
C ALA B 26 -4.46 -23.00 -11.82
N VAL B 27 -4.97 -21.81 -12.10
CA VAL B 27 -4.15 -20.60 -12.03
C VAL B 27 -3.82 -20.29 -10.58
N LYS B 28 -4.84 -20.31 -9.74
CA LYS B 28 -4.71 -20.05 -8.31
C LYS B 28 -3.81 -21.05 -7.58
N ASN B 29 -3.97 -22.33 -7.89
CA ASN B 29 -3.25 -23.34 -7.15
C ASN B 29 -1.88 -23.70 -7.75
N TYR B 30 -1.51 -23.01 -8.84
CA TYR B 30 -0.22 -23.30 -9.46
C TYR B 30 0.95 -23.01 -8.54
N THR B 31 1.88 -23.95 -8.50
CA THR B 31 3.10 -23.82 -7.72
C THR B 31 4.30 -24.13 -8.60
N ASP B 32 5.42 -23.44 -8.35
CA ASP B 32 6.65 -23.77 -9.06
C ASP B 32 7.34 -24.91 -8.31
N LYS B 33 8.49 -25.34 -8.80
CA LYS B 33 9.25 -26.43 -8.17
C LYS B 33 9.53 -26.16 -6.70
N ARG B 34 9.51 -24.89 -6.31
CA ARG B 34 9.81 -24.58 -4.92
C ARG B 34 8.51 -24.19 -4.24
N GLY B 35 7.42 -24.81 -4.67
CA GLY B 35 6.15 -24.73 -3.99
C GLY B 35 5.62 -23.33 -3.70
N ARG B 36 6.10 -22.33 -4.44
CA ARG B 36 5.59 -20.98 -4.24
C ARG B 36 4.37 -20.72 -5.11
N ARG B 37 3.37 -20.07 -4.52
CA ARG B 37 2.12 -19.79 -5.21
C ARG B 37 2.14 -18.40 -5.83
N LEU B 38 2.44 -18.35 -7.12
CA LEU B 38 2.57 -17.11 -7.88
C LEU B 38 1.25 -16.33 -7.84
N SER B 39 0.18 -17.10 -7.65
CA SER B 39 -1.19 -16.61 -7.55
C SER B 39 -1.44 -15.56 -6.47
N ALA B 40 -0.68 -15.66 -5.39
CA ALA B 40 -0.97 -14.95 -4.16
C ALA B 40 -1.16 -13.45 -4.31
N ILE B 41 -0.21 -12.81 -4.99
CA ILE B 41 -0.21 -11.37 -5.11
C ILE B 41 -1.36 -10.84 -5.97
N PHE B 42 -1.92 -11.71 -6.81
CA PHE B 42 -2.95 -11.27 -7.75
C PHE B 42 -4.37 -11.37 -7.18
N LEU B 43 -4.47 -11.92 -5.97
CA LEU B 43 -5.76 -12.12 -5.29
C LEU B 43 -6.41 -10.79 -5.00
N ARG B 44 -5.67 -9.86 -4.42
CA ARG B 44 -6.26 -8.56 -4.25
C ARG B 44 -5.31 -7.43 -4.49
N LEU B 45 -5.81 -6.49 -5.28
CA LEU B 45 -5.10 -5.29 -5.55
C LEU B 45 -5.46 -4.30 -4.41
N PRO B 46 -4.49 -3.48 -3.99
CA PRO B 46 -4.74 -2.47 -2.95
C PRO B 46 -5.85 -1.53 -3.38
N SER B 47 -6.73 -1.14 -2.47
CA SER B 47 -7.86 -0.34 -2.91
C SER B 47 -7.40 1.06 -3.25
N ARG B 48 -8.30 1.88 -3.74
CA ARG B 48 -7.96 3.19 -4.29
C ARG B 48 -7.32 4.23 -3.41
N SER B 49 -7.67 4.25 -2.14
CA SER B 49 -7.15 5.28 -1.27
C SER B 49 -5.65 5.16 -0.93
N GLU B 50 -5.11 3.94 -1.04
CA GLU B 50 -3.71 3.68 -0.70
C GLU B 50 -2.83 3.39 -1.92
N LEU B 51 -3.38 3.56 -3.12
CA LEU B 51 -2.64 3.47 -4.37
C LEU B 51 -3.43 4.07 -5.53
N PRO B 52 -3.71 5.39 -5.44
CA PRO B 52 -4.54 6.04 -6.47
C PRO B 52 -3.87 6.02 -7.84
N ASP B 53 -2.54 6.08 -7.86
CA ASP B 53 -1.77 6.08 -9.09
C ASP B 53 -2.05 4.88 -9.99
N TYR B 54 -2.25 3.71 -9.38
CA TYR B 54 -2.47 2.48 -10.14
C TYR B 54 -3.69 2.57 -11.02
N TYR B 55 -4.75 3.14 -10.48
CA TYR B 55 -6.02 3.19 -11.17
C TYR B 55 -6.08 4.34 -12.18
N LEU B 56 -5.09 5.22 -12.13
CA LEU B 56 -5.04 6.36 -13.05
C LEU B 56 -4.15 6.08 -14.26
N THR B 57 -3.43 4.96 -14.23
CA THR B 57 -2.54 4.55 -15.32
C THR B 57 -3.06 3.28 -15.98
N ILE B 58 -3.94 2.59 -15.27
CA ILE B 58 -4.53 1.35 -15.73
C ILE B 58 -6.00 1.58 -16.02
N LYS B 59 -6.42 1.29 -17.25
CA LYS B 59 -7.76 1.67 -17.69
C LYS B 59 -8.83 0.90 -16.92
N LYS B 60 -8.70 -0.41 -16.91
CA LYS B 60 -9.66 -1.30 -16.30
C LYS B 60 -8.94 -2.18 -15.27
N PRO B 61 -8.86 -1.76 -14.01
CA PRO B 61 -8.13 -2.59 -13.04
C PRO B 61 -8.86 -3.91 -12.73
N MET B 62 -8.10 -5.00 -12.73
CA MET B 62 -8.66 -6.33 -12.49
C MET B 62 -7.80 -7.12 -11.53
N ASP B 63 -8.45 -7.85 -10.63
CA ASP B 63 -7.75 -8.81 -9.78
C ASP B 63 -8.54 -10.11 -9.69
N MET B 64 -8.00 -11.09 -8.97
CA MET B 64 -8.55 -12.43 -9.02
C MET B 64 -9.81 -12.56 -8.18
N GLU B 65 -9.88 -11.82 -7.08
CA GLU B 65 -11.05 -11.94 -6.21
C GLU B 65 -12.33 -11.41 -6.82
N LYS B 66 -12.22 -10.31 -7.54
CA LYS B 66 -13.38 -9.71 -8.19
C LYS B 66 -13.79 -10.55 -9.38
N ILE B 67 -12.81 -11.15 -10.04
CA ILE B 67 -13.11 -12.09 -11.13
C ILE B 67 -13.92 -13.28 -10.62
N ARG B 68 -13.44 -13.93 -9.56
CA ARG B 68 -14.22 -15.04 -9.03
C ARG B 68 -15.49 -14.56 -8.32
N SER B 69 -15.49 -13.36 -7.77
CA SER B 69 -16.67 -12.87 -7.03
C SER B 69 -17.79 -12.58 -8.00
N HIS B 70 -17.38 -12.44 -9.24
CA HIS B 70 -18.26 -12.18 -10.35
C HIS B 70 -18.59 -13.44 -11.10
N MET B 71 -17.68 -14.39 -10.91
CA MET B 71 -17.81 -15.73 -11.39
C MET B 71 -18.95 -16.43 -10.67
N MET B 72 -19.03 -16.17 -9.37
CA MET B 72 -20.03 -16.76 -8.49
C MET B 72 -21.39 -16.10 -8.74
N ALA B 73 -21.33 -14.91 -9.33
CA ALA B 73 -22.53 -14.19 -9.73
C ALA B 73 -23.02 -14.72 -11.08
N ASN B 74 -22.15 -15.48 -11.75
CA ASN B 74 -22.42 -16.12 -13.05
C ASN B 74 -22.40 -15.20 -14.27
N LYS B 75 -21.77 -14.04 -14.22
CA LYS B 75 -22.00 -13.13 -15.33
C LYS B 75 -20.93 -13.43 -16.43
N TYR B 76 -20.27 -14.59 -16.36
CA TYR B 76 -19.35 -15.06 -17.44
C TYR B 76 -20.01 -16.08 -18.34
N GLN B 77 -20.06 -15.77 -19.62
CA GLN B 77 -20.77 -16.58 -20.60
C GLN B 77 -19.90 -17.68 -21.23
N ASP B 78 -18.59 -17.45 -21.32
CA ASP B 78 -17.68 -18.45 -21.87
C ASP B 78 -16.32 -18.44 -21.16
N ILE B 79 -15.43 -19.37 -21.55
CA ILE B 79 -14.10 -19.46 -20.97
C ILE B 79 -13.34 -18.22 -21.39
N ASP B 80 -13.43 -17.87 -22.67
CA ASP B 80 -12.64 -16.74 -23.17
C ASP B 80 -13.05 -15.43 -22.53
N SER B 81 -14.31 -15.32 -22.10
CA SER B 81 -14.73 -14.11 -21.42
C SER B 81 -13.89 -13.96 -20.15
N MET B 82 -13.63 -15.09 -19.49
CA MET B 82 -12.77 -15.10 -18.32
C MET B 82 -11.32 -14.96 -18.70
N VAL B 83 -10.96 -15.62 -19.80
CA VAL B 83 -9.62 -15.55 -20.31
C VAL B 83 -9.21 -14.11 -20.63
N GLU B 84 -10.12 -13.34 -21.22
CA GLU B 84 -9.79 -11.97 -21.60
C GLU B 84 -9.60 -11.12 -20.37
N ASP B 85 -10.26 -11.52 -19.29
CA ASP B 85 -10.17 -10.78 -18.04
C ASP B 85 -8.92 -11.18 -17.25
N PHE B 86 -8.52 -12.44 -17.37
CA PHE B 86 -7.25 -12.86 -16.80
C PHE B 86 -6.12 -12.22 -17.60
N VAL B 87 -6.16 -12.40 -18.93
CA VAL B 87 -5.12 -11.89 -19.84
C VAL B 87 -4.93 -10.41 -19.60
N MET B 88 -6.04 -9.76 -19.37
CA MET B 88 -6.05 -8.37 -19.01
C MET B 88 -5.30 -8.07 -17.72
N MET B 89 -5.61 -8.84 -16.69
CA MET B 89 -4.97 -8.71 -15.38
C MET B 89 -3.46 -8.89 -15.49
N PHE B 90 -3.03 -9.88 -16.27
CA PHE B 90 -1.60 -10.12 -16.49
C PHE B 90 -1.00 -8.92 -17.19
N ASN B 91 -1.71 -8.48 -18.22
CA ASN B 91 -1.30 -7.33 -19.03
C ASN B 91 -1.21 -6.06 -18.20
N ASN B 92 -2.15 -5.88 -17.28
CA ASN B 92 -2.10 -4.76 -16.34
C ASN B 92 -0.87 -4.83 -15.44
N ALA B 93 -0.65 -5.99 -14.84
CA ALA B 93 0.49 -6.20 -13.94
C ALA B 93 1.80 -5.93 -14.66
N CYS B 94 1.88 -6.38 -15.91
CA CYS B 94 3.08 -6.19 -16.72
C CYS B 94 3.16 -4.78 -17.28
N THR B 95 2.09 -4.01 -17.12
CA THR B 95 2.09 -2.61 -17.54
C THR B 95 2.58 -1.73 -16.39
N TYR B 96 2.05 -1.96 -15.20
CA TYR B 96 2.36 -1.11 -14.05
C TYR B 96 3.72 -1.49 -13.48
N ASN B 97 4.09 -2.76 -13.60
CA ASN B 97 5.38 -3.20 -13.12
C ASN B 97 6.24 -3.39 -14.35
N GLU B 98 7.49 -2.96 -14.29
CA GLU B 98 8.37 -3.05 -15.45
C GLU B 98 9.13 -4.39 -15.42
N PRO B 99 9.58 -4.87 -16.60
CA PRO B 99 10.20 -6.19 -16.79
C PRO B 99 11.22 -6.58 -15.72
N GLU B 100 11.72 -5.62 -14.94
CA GLU B 100 12.73 -5.92 -13.93
C GLU B 100 12.12 -6.46 -12.65
N SER B 101 10.78 -6.52 -12.60
CA SER B 101 10.07 -6.98 -11.41
C SER B 101 9.68 -8.46 -11.39
N LEU B 102 9.46 -8.98 -10.19
CA LEU B 102 9.06 -10.37 -9.99
C LEU B 102 7.61 -10.60 -10.45
N ILE B 103 6.75 -9.61 -10.19
CA ILE B 103 5.35 -9.69 -10.60
C ILE B 103 5.24 -9.91 -12.11
N TYR B 104 6.01 -9.14 -12.88
CA TYR B 104 6.09 -9.25 -14.33
C TYR B 104 6.39 -10.68 -14.77
N LYS B 105 7.40 -11.28 -14.14
CA LYS B 105 7.82 -12.63 -14.47
C LYS B 105 6.79 -13.66 -14.02
N ASP B 106 6.14 -13.39 -12.89
CA ASP B 106 5.11 -14.29 -12.38
C ASP B 106 3.86 -14.23 -13.25
N ALA B 107 3.52 -13.03 -13.70
CA ALA B 107 2.42 -12.83 -14.65
C ALA B 107 2.62 -13.66 -15.92
N LEU B 108 3.85 -13.60 -16.45
CA LEU B 108 4.21 -14.35 -17.65
C LEU B 108 3.95 -15.83 -17.46
N VAL B 109 4.44 -16.38 -16.35
CA VAL B 109 4.32 -17.80 -16.05
C VAL B 109 2.86 -18.22 -15.89
N LEU B 110 2.11 -17.45 -15.12
CA LEU B 110 0.69 -17.75 -14.90
C LEU B 110 -0.07 -17.63 -16.22
N HIS B 111 0.38 -16.73 -17.09
CA HIS B 111 -0.21 -16.59 -18.42
C HIS B 111 -0.12 -17.90 -19.18
N LYS B 112 1.05 -18.53 -19.13
CA LYS B 112 1.24 -19.79 -19.82
C LYS B 112 0.47 -20.90 -19.14
N VAL B 113 0.37 -20.81 -17.81
CA VAL B 113 -0.43 -21.74 -17.04
C VAL B 113 -1.89 -21.66 -17.48
N LEU B 114 -2.41 -20.44 -17.54
CA LEU B 114 -3.79 -20.20 -17.97
C LEU B 114 -4.08 -20.77 -19.37
N LEU B 115 -3.13 -20.64 -20.29
CA LEU B 115 -3.35 -21.10 -21.66
C LEU B 115 -3.19 -22.60 -21.81
N GLU B 116 -2.31 -23.21 -21.02
CA GLU B 116 -2.13 -24.65 -21.07
C GLU B 116 -3.32 -25.42 -20.52
N THR B 117 -3.97 -24.86 -19.49
CA THR B 117 -5.09 -25.53 -18.86
C THR B 117 -6.30 -25.57 -19.79
N ARG B 118 -6.51 -24.43 -20.44
CA ARG B 118 -7.58 -24.25 -21.41
C ARG B 118 -7.39 -25.19 -22.60
N ARG B 119 -6.14 -25.40 -23.01
CA ARG B 119 -5.87 -26.29 -24.12
C ARG B 119 -6.07 -27.74 -23.69
N ASP B 120 -5.77 -28.03 -22.44
CA ASP B 120 -6.00 -29.37 -21.88
C ASP B 120 -7.47 -29.62 -21.60
N LEU B 121 -8.30 -28.61 -21.86
CA LEU B 121 -9.75 -28.69 -21.67
C LEU B 121 -10.09 -29.00 -20.21
N MET C 13 2.42 -40.83 15.03
CA MET C 13 2.55 -39.40 15.25
C MET C 13 2.19 -39.05 16.69
N THR C 14 3.13 -38.45 17.42
CA THR C 14 2.89 -38.10 18.82
C THR C 14 1.87 -36.98 18.96
N PRO C 15 1.17 -36.92 20.10
CA PRO C 15 0.25 -35.81 20.40
C PRO C 15 1.00 -34.49 20.37
N MET C 16 2.30 -34.59 20.64
CA MET C 16 3.20 -33.47 20.57
C MET C 16 3.29 -33.00 19.11
N GLN C 17 3.46 -33.97 18.23
CA GLN C 17 3.47 -33.79 16.78
C GLN C 17 2.14 -33.34 16.22
N GLN C 18 1.03 -33.82 16.78
CA GLN C 18 -0.28 -33.64 16.17
C GLN C 18 -0.83 -32.24 16.14
N LYS C 19 -0.36 -31.37 16.99
CA LYS C 19 -0.94 -30.05 16.98
C LYS C 19 0.09 -28.96 17.00
N LEU C 20 1.33 -29.37 16.75
CA LEU C 20 2.28 -28.45 16.20
C LEU C 20 1.68 -28.32 14.81
N ASN C 21 0.99 -29.38 14.41
CA ASN C 21 0.24 -29.44 13.16
C ASN C 21 -1.05 -28.61 13.20
N GLU C 22 -1.80 -28.66 14.31
CA GLU C 22 -3.00 -27.83 14.45
C GLU C 22 -2.68 -26.35 14.41
N VAL C 23 -1.72 -25.93 15.24
CA VAL C 23 -1.34 -24.53 15.27
C VAL C 23 -0.75 -24.10 13.92
N TYR C 24 -0.01 -25.00 13.26
CA TYR C 24 0.50 -24.72 11.93
C TYR C 24 -0.67 -24.59 10.95
N GLU C 25 -1.59 -25.54 11.03
CA GLU C 25 -2.73 -25.60 10.10
C GLU C 25 -3.65 -24.42 10.32
N ALA C 26 -3.75 -23.98 11.57
CA ALA C 26 -4.60 -22.85 11.94
C ALA C 26 -4.08 -21.54 11.34
N VAL C 27 -2.76 -21.41 11.29
CA VAL C 27 -2.14 -20.24 10.67
C VAL C 27 -2.39 -20.30 9.18
N LYS C 28 -2.12 -21.48 8.63
CA LYS C 28 -2.29 -21.75 7.21
C LYS C 28 -3.75 -21.61 6.73
N ASN C 29 -4.70 -22.13 7.51
CA ASN C 29 -6.10 -22.18 7.08
C ASN C 29 -6.94 -20.97 7.48
N TYR C 30 -6.33 -19.97 8.12
CA TYR C 30 -7.08 -18.80 8.54
C TYR C 30 -7.65 -18.06 7.33
N THR C 31 -8.93 -17.70 7.42
CA THR C 31 -9.58 -16.95 6.35
C THR C 31 -10.18 -15.69 6.93
N ASP C 32 -10.16 -14.62 6.14
CA ASP C 32 -10.80 -13.39 6.53
C ASP C 32 -12.27 -13.33 6.17
N LYS C 33 -12.78 -12.12 6.38
CA LYS C 33 -14.16 -11.70 6.26
C LYS C 33 -14.75 -12.08 4.91
N ARG C 34 -13.88 -12.10 3.91
CA ARG C 34 -14.20 -12.47 2.55
C ARG C 34 -13.47 -13.73 2.12
N GLY C 35 -13.28 -14.65 3.04
CA GLY C 35 -12.71 -15.94 2.73
C GLY C 35 -11.35 -15.89 2.06
N ARG C 36 -10.63 -14.78 2.19
CA ARG C 36 -9.27 -14.75 1.67
C ARG C 36 -8.33 -15.31 2.70
N ARG C 37 -7.42 -16.18 2.29
CA ARG C 37 -6.49 -16.77 3.24
C ARG C 37 -5.11 -16.12 3.25
N LEU C 38 -4.88 -15.35 4.29
CA LEU C 38 -3.69 -14.53 4.47
C LEU C 38 -2.38 -15.32 4.35
N SER C 39 -2.46 -16.61 4.67
CA SER C 39 -1.29 -17.51 4.61
C SER C 39 -0.62 -17.60 3.24
N ALA C 40 -1.39 -17.42 2.17
CA ALA C 40 -0.97 -17.77 0.81
C ALA C 40 0.39 -17.19 0.41
N ILE C 41 0.57 -15.89 0.63
CA ILE C 41 1.81 -15.21 0.25
C ILE C 41 3.00 -15.64 1.11
N PHE C 42 2.72 -16.17 2.29
CA PHE C 42 3.78 -16.51 3.24
C PHE C 42 4.33 -17.92 3.07
N LEU C 43 3.75 -18.67 2.14
CA LEU C 43 4.12 -20.08 2.01
C LEU C 43 5.57 -20.26 1.61
N ARG C 44 6.00 -19.56 0.58
CA ARG C 44 7.37 -19.69 0.15
C ARG C 44 7.96 -18.36 -0.32
N LEU C 45 9.20 -18.08 0.09
CA LEU C 45 9.87 -16.88 -0.39
C LEU C 45 10.40 -17.19 -1.78
N PRO C 46 10.30 -16.22 -2.70
CA PRO C 46 10.93 -16.37 -4.01
C PRO C 46 12.44 -16.56 -3.87
N SER C 47 13.06 -17.23 -4.82
CA SER C 47 14.47 -17.55 -4.69
C SER C 47 15.27 -16.27 -4.77
N ARG C 48 16.55 -16.36 -4.43
CA ARG C 48 17.39 -15.18 -4.36
C ARG C 48 17.57 -14.59 -5.74
N SER C 49 17.58 -15.48 -6.73
CA SER C 49 17.70 -15.06 -8.10
C SER C 49 16.42 -14.31 -8.51
N GLU C 50 15.35 -14.50 -7.74
CA GLU C 50 14.06 -13.87 -8.05
C GLU C 50 13.72 -12.71 -7.13
N LEU C 51 14.56 -12.46 -6.13
CA LEU C 51 14.36 -11.33 -5.21
C LEU C 51 15.59 -11.08 -4.35
N PRO C 52 16.71 -10.68 -4.98
CA PRO C 52 17.97 -10.48 -4.26
C PRO C 52 17.88 -9.37 -3.20
N ASP C 53 17.06 -8.35 -3.48
CA ASP C 53 16.88 -7.23 -2.56
C ASP C 53 16.42 -7.69 -1.18
N TYR C 54 15.55 -8.69 -1.14
CA TYR C 54 14.99 -9.18 0.11
C TYR C 54 16.09 -9.76 1.01
N TYR C 55 17.02 -10.47 0.39
CA TYR C 55 18.07 -11.19 1.09
C TYR C 55 19.22 -10.28 1.51
N LEU C 56 19.21 -9.04 1.02
CA LEU C 56 20.23 -8.08 1.40
C LEU C 56 19.74 -7.21 2.55
N THR C 57 18.46 -7.36 2.90
CA THR C 57 17.85 -6.61 3.99
C THR C 57 17.46 -7.53 5.15
N ILE C 58 17.27 -8.81 4.85
CA ILE C 58 16.90 -9.76 5.89
C ILE C 58 18.00 -10.80 6.11
N LYS C 59 18.60 -10.82 7.29
CA LYS C 59 19.70 -11.75 7.56
C LYS C 59 19.13 -13.16 7.77
N LYS C 60 18.00 -13.26 8.49
CA LYS C 60 17.37 -14.57 8.75
C LYS C 60 16.03 -14.74 8.04
N PRO C 61 16.09 -15.18 6.78
CA PRO C 61 14.90 -15.42 5.95
C PRO C 61 14.15 -16.68 6.38
N MET C 62 12.83 -16.57 6.53
CA MET C 62 12.01 -17.71 6.93
C MET C 62 10.71 -17.73 6.12
N ASP C 63 10.25 -18.89 5.72
CA ASP C 63 8.91 -18.99 5.15
C ASP C 63 8.20 -20.24 5.68
N MET C 64 6.95 -20.45 5.29
CA MET C 64 6.12 -21.47 5.94
C MET C 64 6.47 -22.90 5.50
N GLU C 65 6.95 -23.06 4.28
CA GLU C 65 7.33 -24.39 3.80
C GLU C 65 8.49 -24.97 4.59
N LYS C 66 9.41 -24.10 4.98
CA LYS C 66 10.57 -24.53 5.77
C LYS C 66 10.20 -24.83 7.22
N ILE C 67 9.26 -24.07 7.76
CA ILE C 67 8.75 -24.35 9.09
C ILE C 67 8.12 -25.72 9.08
N ARG C 68 7.34 -25.99 8.04
CA ARG C 68 6.73 -27.30 7.88
C ARG C 68 7.77 -28.40 7.61
N SER C 69 8.85 -28.08 6.92
CA SER C 69 9.88 -29.07 6.62
C SER C 69 10.76 -29.45 7.80
N HIS C 70 10.82 -28.62 8.83
CA HIS C 70 11.62 -28.95 10.00
C HIS C 70 10.63 -29.58 10.99
N MET C 71 9.35 -29.24 10.79
CA MET C 71 8.26 -29.89 11.50
C MET C 71 8.02 -31.36 11.12
N MET C 72 8.01 -31.64 9.82
CA MET C 72 7.79 -33.00 9.31
C MET C 72 9.04 -33.75 9.59
N ALA C 73 10.05 -32.96 9.84
CA ALA C 73 11.35 -33.50 10.11
C ALA C 73 11.49 -34.04 11.54
N ASN C 74 10.62 -33.61 12.46
CA ASN C 74 10.66 -33.90 13.92
C ASN C 74 11.55 -32.98 14.74
N LYS C 75 12.06 -31.92 14.15
CA LYS C 75 13.17 -31.27 14.84
C LYS C 75 12.73 -30.12 15.76
N TYR C 76 11.42 -29.95 15.89
CA TYR C 76 10.84 -28.97 16.82
C TYR C 76 10.40 -29.71 18.06
N GLN C 77 10.93 -29.34 19.21
CA GLN C 77 10.57 -30.07 20.41
C GLN C 77 9.33 -29.55 21.11
N ASP C 78 9.03 -28.25 21.01
CA ASP C 78 7.79 -27.75 21.59
C ASP C 78 7.09 -26.66 20.79
N ILE C 79 6.00 -26.14 21.34
CA ILE C 79 5.14 -25.17 20.66
C ILE C 79 5.77 -23.80 20.43
N ASP C 80 6.30 -23.20 21.50
CA ASP C 80 6.83 -21.85 21.45
C ASP C 80 8.09 -21.76 20.62
N SER C 81 8.79 -22.88 20.48
CA SER C 81 9.93 -22.95 19.57
C SER C 81 9.49 -22.74 18.14
N MET C 82 8.32 -23.27 17.80
CA MET C 82 7.77 -23.11 16.45
C MET C 82 7.31 -21.69 16.29
N VAL C 83 6.78 -21.17 17.38
CA VAL C 83 6.36 -19.79 17.46
C VAL C 83 7.57 -18.91 17.12
N GLU C 84 8.75 -19.30 17.61
CA GLU C 84 9.96 -18.48 17.37
C GLU C 84 10.38 -18.40 15.92
N ASP C 85 10.06 -19.41 15.13
CA ASP C 85 10.35 -19.35 13.71
C ASP C 85 9.23 -18.65 12.96
N PHE C 86 8.02 -18.76 13.49
CA PHE C 86 6.89 -18.04 12.94
C PHE C 86 7.11 -16.54 13.15
N VAL C 87 7.40 -16.18 14.39
CA VAL C 87 7.61 -14.78 14.79
C VAL C 87 8.68 -14.13 13.93
N MET C 88 9.74 -14.87 13.67
CA MET C 88 10.80 -14.38 12.80
C MET C 88 10.29 -14.07 11.41
N MET C 89 9.50 -14.97 10.83
CA MET C 89 8.92 -14.71 9.51
C MET C 89 8.12 -13.41 9.47
N PHE C 90 7.24 -13.26 10.46
CA PHE C 90 6.40 -12.08 10.55
C PHE C 90 7.24 -10.83 10.81
N ASN C 91 8.20 -10.95 11.73
CA ASN C 91 9.09 -9.83 12.02
C ASN C 91 9.88 -9.44 10.78
N ASN C 92 10.31 -10.44 9.99
CA ASN C 92 10.97 -10.16 8.71
C ASN C 92 10.03 -9.45 7.75
N ALA C 93 8.82 -9.98 7.62
CA ALA C 93 7.82 -9.43 6.71
C ALA C 93 7.51 -7.97 7.01
N CYS C 94 7.42 -7.64 8.29
CA CYS C 94 7.11 -6.28 8.70
C CYS C 94 8.33 -5.36 8.65
N THR C 95 9.50 -5.95 8.42
CA THR C 95 10.73 -5.18 8.25
C THR C 95 10.91 -4.78 6.79
N TYR C 96 10.71 -5.73 5.89
CA TYR C 96 10.93 -5.52 4.46
C TYR C 96 9.81 -4.77 3.71
N ASN C 97 8.57 -4.97 4.14
CA ASN C 97 7.43 -4.31 3.50
C ASN C 97 6.89 -3.15 4.29
N GLU C 98 6.20 -2.26 3.59
CA GLU C 98 5.79 -1.02 4.18
C GLU C 98 4.58 -1.28 5.04
N PRO C 99 4.43 -0.50 6.10
CA PRO C 99 3.36 -0.72 7.08
C PRO C 99 2.00 -0.81 6.40
N GLU C 100 1.86 -0.10 5.28
CA GLU C 100 0.64 -0.08 4.48
C GLU C 100 0.61 -1.22 3.44
N SER C 101 1.61 -2.10 3.45
CA SER C 101 1.58 -3.14 2.43
C SER C 101 0.60 -4.17 2.98
N LEU C 102 0.00 -4.95 2.09
CA LEU C 102 -1.04 -5.87 2.54
C LEU C 102 -0.41 -6.98 3.37
N ILE C 103 0.78 -7.40 2.97
CA ILE C 103 1.56 -8.38 3.74
C ILE C 103 1.79 -7.91 5.17
N TYR C 104 2.23 -6.67 5.33
CA TYR C 104 2.43 -6.09 6.66
C TYR C 104 1.15 -6.27 7.48
N LYS C 105 0.01 -5.99 6.85
CA LYS C 105 -1.29 -6.08 7.54
C LYS C 105 -1.67 -7.52 7.83
N ASP C 106 -1.33 -8.42 6.92
CA ASP C 106 -1.61 -9.84 7.10
C ASP C 106 -0.69 -10.46 8.13
N ALA C 107 0.56 -10.02 8.13
CA ALA C 107 1.54 -10.46 9.13
C ALA C 107 1.04 -10.21 10.54
N LEU C 108 0.56 -9.00 10.79
CA LEU C 108 0.01 -8.63 12.09
C LEU C 108 -1.15 -9.54 12.49
N VAL C 109 -2.12 -9.70 11.59
CA VAL C 109 -3.32 -10.49 11.87
C VAL C 109 -2.99 -11.95 12.12
N LEU C 110 -2.18 -12.54 11.25
CA LEU C 110 -1.79 -13.94 11.40
C LEU C 110 -0.94 -14.18 12.64
N HIS C 111 -0.13 -13.20 12.99
CA HIS C 111 0.70 -13.29 14.19
C HIS C 111 -0.17 -13.44 15.43
N LYS C 112 -1.26 -12.69 15.52
CA LYS C 112 -2.13 -12.79 16.68
C LYS C 112 -2.90 -14.11 16.65
N VAL C 113 -3.18 -14.60 15.46
CA VAL C 113 -3.81 -15.91 15.30
C VAL C 113 -2.95 -17.00 15.94
N LEU C 114 -1.66 -16.98 15.59
CA LEU C 114 -0.69 -17.91 16.17
C LEU C 114 -0.71 -17.84 17.69
N LEU C 115 -0.87 -16.63 18.19
CA LEU C 115 -0.83 -16.37 19.63
C LEU C 115 -2.14 -16.79 20.29
N GLU C 116 -3.26 -16.58 19.58
CA GLU C 116 -4.57 -16.96 20.10
C GLU C 116 -4.75 -18.47 20.07
N THR C 117 -4.20 -19.10 19.02
CA THR C 117 -4.31 -20.53 18.85
C THR C 117 -3.46 -21.24 19.88
N ARG C 118 -2.26 -20.71 20.09
CA ARG C 118 -1.39 -21.30 21.08
C ARG C 118 -1.98 -21.27 22.47
N ARG C 119 -2.63 -20.21 22.92
CA ARG C 119 -3.07 -20.39 24.29
C ARG C 119 -4.54 -20.91 24.34
N ASP C 120 -5.27 -20.91 23.23
CA ASP C 120 -6.55 -21.65 23.29
C ASP C 120 -6.16 -23.11 23.41
N LEU C 121 -4.87 -23.39 23.33
CA LEU C 121 -4.26 -24.68 23.57
C LEU C 121 -4.80 -25.75 22.64
N PRO D 15 15.33 25.75 0.56
CA PRO D 15 14.08 26.48 0.41
C PRO D 15 13.07 26.00 1.42
N MET D 16 12.13 25.19 0.95
CA MET D 16 11.21 24.49 1.82
C MET D 16 11.97 23.45 2.64
N GLN D 17 12.92 22.78 1.98
CA GLN D 17 13.64 21.68 2.60
C GLN D 17 14.44 22.18 3.87
N GLN D 18 14.99 23.39 3.78
CA GLN D 18 15.77 24.00 4.87
C GLN D 18 14.85 24.56 5.98
N LYS D 19 13.57 24.70 5.65
CA LYS D 19 12.57 25.11 6.63
C LYS D 19 12.06 23.89 7.37
N LEU D 20 12.06 22.76 6.69
CA LEU D 20 11.79 21.47 7.30
C LEU D 20 12.99 20.99 8.12
N ASN D 21 14.16 21.44 7.72
CA ASN D 21 15.40 21.10 8.42
C ASN D 21 15.38 21.79 9.77
N GLU D 22 14.92 23.03 9.76
CA GLU D 22 14.79 23.84 10.98
C GLU D 22 13.80 23.22 11.96
N VAL D 23 12.61 22.89 11.47
CA VAL D 23 11.56 22.30 12.32
C VAL D 23 11.97 20.97 12.94
N TYR D 24 12.73 20.15 12.21
CA TYR D 24 13.23 18.89 12.76
C TYR D 24 14.16 19.14 13.94
N GLU D 25 15.12 20.02 13.75
CA GLU D 25 16.11 20.31 14.77
C GLU D 25 15.52 21.05 15.97
N ALA D 26 14.46 21.81 15.74
CA ALA D 26 13.82 22.54 16.83
C ALA D 26 13.22 21.55 17.82
N VAL D 27 12.68 20.46 17.28
CA VAL D 27 12.13 19.39 18.10
C VAL D 27 13.25 18.62 18.81
N LYS D 28 14.27 18.23 18.06
CA LYS D 28 15.37 17.47 18.63
C LYS D 28 16.13 18.24 19.72
N ASN D 29 16.36 19.52 19.50
CA ASN D 29 17.17 20.30 20.45
C ASN D 29 16.41 20.92 21.58
N TYR D 30 15.11 20.64 21.67
CA TYR D 30 14.35 21.20 22.77
C TYR D 30 14.92 20.70 24.08
N THR D 31 15.12 21.63 25.01
CA THR D 31 15.62 21.30 26.33
C THR D 31 14.71 21.88 27.40
N ASP D 32 14.57 21.15 28.50
CA ASP D 32 13.83 21.65 29.65
C ASP D 32 14.78 22.47 30.52
N LYS D 33 14.28 23.01 31.62
CA LYS D 33 15.09 23.77 32.59
C LYS D 33 16.32 23.03 33.09
N ARG D 34 16.34 21.71 32.92
CA ARG D 34 17.48 20.95 33.37
C ARG D 34 18.22 20.46 32.13
N GLY D 35 18.23 21.25 31.06
CA GLY D 35 19.07 21.02 29.88
C GLY D 35 19.03 19.63 29.26
N ARG D 36 17.99 18.86 29.57
CA ARG D 36 17.85 17.52 29.00
C ARG D 36 17.10 17.55 27.68
N ARG D 37 17.58 16.76 26.73
CA ARG D 37 17.00 16.75 25.40
C ARG D 37 15.94 15.64 25.38
N LEU D 38 14.68 16.03 25.51
CA LEU D 38 13.56 15.09 25.59
C LEU D 38 13.45 14.18 24.37
N SER D 39 13.92 14.68 23.22
CA SER D 39 13.90 13.96 21.96
C SER D 39 14.64 12.61 21.98
N ALA D 40 15.64 12.50 22.86
CA ALA D 40 16.63 11.42 22.79
C ALA D 40 16.03 10.01 22.67
N ILE D 41 15.05 9.69 23.51
CA ILE D 41 14.45 8.36 23.51
C ILE D 41 13.63 8.11 22.24
N PHE D 42 13.22 9.19 21.58
CA PHE D 42 12.34 9.08 20.40
C PHE D 42 13.14 8.96 19.11
N LEU D 43 14.46 8.99 19.23
CA LEU D 43 15.32 9.00 18.04
C LEU D 43 15.19 7.72 17.24
N ARG D 44 15.28 6.57 17.91
CA ARG D 44 15.16 5.30 17.22
C ARG D 44 14.31 4.30 17.99
N LEU D 45 13.49 3.56 17.24
CA LEU D 45 12.59 2.56 17.80
C LEU D 45 13.29 1.28 18.24
N PRO D 46 12.82 0.71 19.36
CA PRO D 46 13.26 -0.60 19.86
C PRO D 46 13.00 -1.68 18.81
N SER D 47 13.84 -2.71 18.75
CA SER D 47 13.71 -3.68 17.67
C SER D 47 12.49 -4.58 17.85
N ARG D 48 12.14 -5.29 16.79
CA ARG D 48 10.95 -6.14 16.82
C ARG D 48 11.12 -7.34 17.75
N SER D 49 12.32 -7.91 17.73
CA SER D 49 12.67 -9.04 18.56
C SER D 49 12.85 -8.63 20.03
N GLU D 50 13.05 -7.34 20.27
CA GLU D 50 13.33 -6.86 21.62
C GLU D 50 12.07 -6.23 22.22
N LEU D 51 11.02 -6.14 21.41
CA LEU D 51 9.77 -5.59 21.91
C LEU D 51 8.64 -5.93 20.94
N PRO D 52 8.34 -7.24 20.79
CA PRO D 52 7.31 -7.70 19.85
C PRO D 52 5.95 -7.15 20.26
N ASP D 53 5.79 -6.95 21.56
CA ASP D 53 4.56 -6.43 22.14
C ASP D 53 4.17 -5.10 21.48
N TYR D 54 5.19 -4.30 21.21
CA TYR D 54 5.00 -2.96 20.64
C TYR D 54 4.39 -2.93 19.25
N TYR D 55 4.88 -3.80 18.37
CA TYR D 55 4.49 -3.75 16.96
C TYR D 55 3.16 -4.45 16.68
N LEU D 56 2.67 -5.22 17.65
CA LEU D 56 1.37 -5.86 17.51
C LEU D 56 0.34 -5.01 18.22
N THR D 57 0.80 -3.95 18.89
CA THR D 57 -0.12 -3.11 19.63
C THR D 57 -0.26 -1.75 18.93
N ILE D 58 0.75 -1.33 18.20
CA ILE D 58 0.63 -0.14 17.37
C ILE D 58 1.07 -0.46 15.93
N LYS D 59 0.17 -0.21 14.99
CA LYS D 59 0.32 -0.61 13.59
C LYS D 59 1.42 0.09 12.77
N LYS D 60 1.48 1.41 12.88
CA LYS D 60 2.39 2.25 12.09
C LYS D 60 3.50 2.90 12.90
N PRO D 61 4.63 2.18 13.02
CA PRO D 61 5.79 2.59 13.82
C PRO D 61 6.54 3.78 13.24
N MET D 62 6.88 4.74 14.10
CA MET D 62 7.60 5.93 13.67
C MET D 62 8.69 6.32 14.68
N ASP D 63 9.84 6.72 14.20
CA ASP D 63 10.84 7.38 15.04
C ASP D 63 11.50 8.52 14.28
N MET D 64 12.44 9.18 14.94
CA MET D 64 13.04 10.39 14.42
C MET D 64 14.07 10.09 13.34
N GLU D 65 14.70 8.93 13.46
CA GLU D 65 15.77 8.54 12.54
C GLU D 65 15.21 8.26 11.14
N LYS D 66 14.02 7.68 11.05
CA LYS D 66 13.35 7.47 9.77
C LYS D 66 12.71 8.75 9.22
N ILE D 67 12.26 9.62 10.12
CA ILE D 67 11.79 10.94 9.73
C ILE D 67 12.95 11.74 9.13
N ARG D 68 14.12 11.65 9.75
CA ARG D 68 15.29 12.37 9.28
C ARG D 68 15.77 11.87 7.91
N SER D 69 15.61 10.57 7.68
CA SER D 69 16.00 9.96 6.43
C SER D 69 15.01 10.27 5.29
N HIS D 70 13.80 10.71 5.65
CA HIS D 70 12.73 11.09 4.74
C HIS D 70 12.88 12.49 4.31
N MET D 71 13.31 13.29 5.28
CA MET D 71 13.62 14.68 5.04
C MET D 71 14.83 14.88 4.12
N MET D 72 15.86 14.05 4.29
CA MET D 72 17.08 14.22 3.50
C MET D 72 16.95 13.75 2.05
N ALA D 73 16.01 12.86 1.80
CA ALA D 73 15.72 12.37 0.46
C ALA D 73 14.80 13.33 -0.28
N ASN D 74 14.29 14.32 0.47
CA ASN D 74 13.34 15.32 -0.05
C ASN D 74 11.94 14.82 -0.21
N LYS D 75 11.63 13.73 0.48
CA LYS D 75 10.37 13.09 0.22
C LYS D 75 9.23 13.76 1.03
N TYR D 76 9.52 14.92 1.66
CA TYR D 76 8.48 15.77 2.30
C TYR D 76 8.16 16.99 1.39
N GLN D 77 6.90 17.13 0.99
CA GLN D 77 6.51 18.18 0.03
C GLN D 77 6.18 19.48 0.75
N ASP D 78 5.67 19.34 1.97
CA ASP D 78 5.34 20.47 2.81
C ASP D 78 5.59 20.21 4.30
N ILE D 79 5.27 21.19 5.12
CA ILE D 79 5.50 21.13 6.55
C ILE D 79 4.60 20.11 7.24
N ASP D 80 3.33 20.10 6.86
CA ASP D 80 2.34 19.30 7.55
C ASP D 80 2.57 17.81 7.36
N SER D 81 3.22 17.46 6.26
CA SER D 81 3.61 16.08 6.01
C SER D 81 4.62 15.58 7.03
N MET D 82 5.60 16.41 7.36
CA MET D 82 6.58 16.04 8.37
C MET D 82 5.91 16.14 9.73
N VAL D 83 5.08 17.17 9.89
CA VAL D 83 4.32 17.33 11.11
C VAL D 83 3.40 16.15 11.34
N GLU D 84 2.68 15.68 10.32
CA GLU D 84 1.76 14.59 10.61
C GLU D 84 2.51 13.25 10.79
N ASP D 85 3.81 13.19 10.48
CA ASP D 85 4.61 12.03 10.88
C ASP D 85 5.12 12.15 12.33
N PHE D 86 5.38 13.37 12.77
CA PHE D 86 5.77 13.63 14.16
C PHE D 86 4.65 13.38 15.18
N VAL D 87 3.48 13.97 14.93
CA VAL D 87 2.31 13.81 15.79
C VAL D 87 2.00 12.35 15.96
N MET D 88 2.14 11.66 14.85
CA MET D 88 1.90 10.24 14.71
C MET D 88 2.87 9.43 15.61
N MET D 89 4.17 9.76 15.57
CA MET D 89 5.17 9.13 16.44
C MET D 89 4.82 9.33 17.91
N PHE D 90 4.45 10.56 18.24
CA PHE D 90 4.04 10.92 19.59
C PHE D 90 2.80 10.16 20.02
N ASN D 91 1.81 10.11 19.13
CA ASN D 91 0.57 9.40 19.39
C ASN D 91 0.83 7.92 19.66
N ASN D 92 1.79 7.35 18.95
CA ASN D 92 2.20 5.97 19.21
C ASN D 92 2.77 5.81 20.61
N ALA D 93 3.70 6.70 20.94
CA ALA D 93 4.40 6.67 22.21
C ALA D 93 3.44 6.73 23.37
N CYS D 94 2.43 7.58 23.23
CA CYS D 94 1.47 7.75 24.28
C CYS D 94 0.41 6.63 24.29
N THR D 95 0.39 5.79 23.25
CA THR D 95 -0.54 4.66 23.20
C THR D 95 0.07 3.44 23.88
N TYR D 96 1.33 3.16 23.58
CA TYR D 96 2.01 1.99 24.13
C TYR D 96 2.42 2.26 25.57
N ASN D 97 2.69 3.52 25.88
CA ASN D 97 3.13 3.88 27.21
C ASN D 97 1.98 4.48 28.02
N GLU D 98 2.02 4.27 29.33
CA GLU D 98 0.94 4.73 30.18
C GLU D 98 1.16 6.18 30.60
N PRO D 99 0.05 6.90 30.89
CA PRO D 99 0.07 8.31 31.28
C PRO D 99 1.03 8.61 32.43
N GLU D 100 1.29 7.62 33.27
CA GLU D 100 2.16 7.78 34.43
C GLU D 100 3.64 7.66 34.08
N SER D 101 3.95 7.40 32.81
CA SER D 101 5.34 7.20 32.38
C SER D 101 6.00 8.51 31.93
N LEU D 102 7.33 8.54 31.93
CA LEU D 102 8.07 9.73 31.55
C LEU D 102 7.99 9.98 30.04
N ILE D 103 8.10 8.90 29.27
CA ILE D 103 8.00 8.94 27.81
C ILE D 103 6.69 9.56 27.33
N TYR D 104 5.60 9.11 27.94
CA TYR D 104 4.28 9.62 27.64
C TYR D 104 4.24 11.15 27.72
N LYS D 105 4.71 11.68 28.85
CA LYS D 105 4.67 13.12 29.09
C LYS D 105 5.64 13.90 28.23
N ASP D 106 6.78 13.27 27.94
CA ASP D 106 7.79 13.91 27.11
C ASP D 106 7.25 14.00 25.69
N ALA D 107 6.52 12.96 25.28
CA ALA D 107 5.81 12.98 24.01
C ALA D 107 4.86 14.17 23.95
N LEU D 108 4.07 14.37 25.01
CA LEU D 108 3.18 15.54 25.10
C LEU D 108 3.92 16.86 24.94
N VAL D 109 5.00 17.05 25.69
CA VAL D 109 5.72 18.30 25.66
C VAL D 109 6.29 18.56 24.28
N LEU D 110 6.95 17.55 23.71
CA LEU D 110 7.53 17.68 22.38
C LEU D 110 6.48 17.87 21.29
N HIS D 111 5.32 17.24 21.47
CA HIS D 111 4.21 17.40 20.54
C HIS D 111 3.77 18.86 20.48
N LYS D 112 3.63 19.45 21.66
CA LYS D 112 3.15 20.82 21.75
C LYS D 112 4.23 21.81 21.32
N VAL D 113 5.49 21.43 21.53
CA VAL D 113 6.62 22.19 20.99
C VAL D 113 6.49 22.27 19.47
N LEU D 114 6.20 21.12 18.86
CA LEU D 114 6.02 20.99 17.42
C LEU D 114 4.98 21.98 16.85
N LEU D 115 3.90 22.20 17.59
CA LEU D 115 2.83 23.08 17.09
C LEU D 115 3.17 24.57 17.19
N GLU D 116 3.86 24.94 18.27
CA GLU D 116 4.28 26.33 18.44
C GLU D 116 5.40 26.72 17.49
N THR D 117 6.27 25.77 17.16
CA THR D 117 7.36 26.04 16.23
C THR D 117 6.79 26.25 14.83
N ARG D 118 5.83 25.41 14.46
CA ARG D 118 5.14 25.53 13.18
C ARG D 118 4.36 26.85 13.04
N ARG D 119 3.78 27.34 14.12
CA ARG D 119 3.01 28.59 14.03
C ARG D 119 3.91 29.78 13.74
N ASP D 120 5.08 29.77 14.37
CA ASP D 120 6.08 30.82 14.15
C ASP D 120 6.82 30.65 12.81
N LEU D 121 6.50 29.60 12.07
CA LEU D 121 7.15 29.29 10.79
C LEU D 121 8.66 29.11 10.98
#